data_1C4V
#
_entry.id   1C4V
#
_cell.length_a   71.510
_cell.length_b   72.020
_cell.length_c   72.910
_cell.angle_alpha   90.00
_cell.angle_beta   100.80
_cell.angle_gamma   90.00
#
_symmetry.space_group_name_H-M   'C 1 2 1'
#
loop_
_entity.id
_entity.type
_entity.pdbx_description
1 polymer 'THROMBIN:SHORT CHAIN'
2 polymer 'THROMBIN:LONG CHAIN'
3 polymer HIRUGEN
4 non-polymer 'SODIUM ION'
5 non-polymer '2-(2,2-DIPHENYL-ETHYL)-7-METHYL-1,3-DIOXO-2,3,5,8-TETRAHYDRO-1H-[1,2,4]TRIAZOLO [1,2-A]PYRIDAZINE-5-CARBOXYLIC ACID(4-CARBAMIMIDOYL-CYCLOHEXYLMETHYL)-AMIDE'
6 water water
#
loop_
_entity_poly.entity_id
_entity_poly.type
_entity_poly.pdbx_seq_one_letter_code
_entity_poly.pdbx_strand_id
1 'polypeptide(L)' TFGSGEADCGLRPLFEKKSLEDKTERELLESYIDGR 1
2 'polypeptide(L)'
;IVEGSDAEIGMSPWQVMLFRKSPQELLCGASLISDRWVLTAAHCLLYPPWDKNFTENDLLVRIGKHSRTRYERNIEKISM
LEKIYIHPRYNWRENLDRDIALMKLKKPVAFSDYIHPVCLPDRETAASLLQAGYKGRVTGWGNLKETWTANVGKGQPSVL
QVVNLPIVERPVCKDSTRIRITDNMFCAGYKPDEGKRGDACEGDSGGPFVMKSPFNNRWYQMGIVSWGEGCDRDGKYGFY
THVFRLKKWIQKVIDQFGE
;
2
3 'polypeptide(L)' ACENEDFEEIPGE(TYS)L 3
#
loop_
_chem_comp.id
_chem_comp.type
_chem_comp.name
_chem_comp.formula
IH2 non-polymer '2-(2,2-DIPHENYL-ETHYL)-7-METHYL-1,3-DIOXO-2,3,5,8-TETRAHYDRO-1H-[1,2,4]TRIAZOLO [1,2-A]PYRIDAZINE-5-CARBOXYLIC ACID(4-CARBAMIMIDOYL-CYCLOHEXYLMETHYL)-AMIDE' 'C30 H36 N6 O3'
NA non-polymer 'SODIUM ION' 'Na 1'
#
# COMPACT_ATOMS: atom_id res chain seq x y z
N THR A 1 13.83 -6.42 -2.44
CA THR A 1 14.07 -5.05 -2.06
C THR A 1 13.54 -3.95 -2.99
N PHE A 2 14.05 -4.08 -4.17
CA PHE A 2 14.00 -3.29 -5.38
C PHE A 2 13.64 -4.14 -6.60
N GLY A 3 14.50 -4.10 -7.59
CA GLY A 3 14.51 -4.77 -8.89
C GLY A 3 13.62 -6.02 -8.75
N SER A 4 12.35 -5.75 -9.05
CA SER A 4 11.20 -6.67 -8.96
C SER A 4 11.36 -7.36 -7.59
N GLY A 5 11.58 -6.49 -6.60
CA GLY A 5 11.86 -6.77 -5.23
C GLY A 5 13.11 -7.60 -4.83
N GLU A 6 12.85 -8.23 -3.67
CA GLU A 6 13.56 -9.10 -2.77
C GLU A 6 13.81 -10.47 -3.33
N ALA A 7 13.04 -11.50 -3.56
CA ALA A 7 13.50 -12.77 -4.13
C ALA A 7 12.45 -13.89 -4.02
N ASP A 8 11.92 -13.78 -2.80
CA ASP A 8 10.83 -14.72 -2.46
C ASP A 8 9.62 -13.76 -2.37
N CYS A 9 10.09 -12.65 -2.95
CA CYS A 9 9.21 -11.47 -2.98
C CYS A 9 7.92 -11.94 -3.62
N GLY A 10 6.83 -11.46 -3.01
CA GLY A 10 5.49 -11.61 -3.50
C GLY A 10 4.95 -13.01 -3.66
N LEU A 11 5.51 -13.99 -3.05
CA LEU A 11 4.98 -15.38 -3.00
C LEU A 11 4.45 -15.51 -1.54
N ARG A 12 3.17 -15.64 -1.37
CA ARG A 12 2.65 -15.65 0.06
C ARG A 12 2.74 -17.02 0.69
N PRO A 13 3.25 -17.10 1.91
CA PRO A 13 3.41 -18.41 2.58
C PRO A 13 2.15 -19.23 2.56
N LEU A 14 1.05 -18.53 2.75
CA LEU A 14 -0.33 -19.01 2.91
C LEU A 14 -1.23 -19.19 1.68
N PHE A 15 -0.70 -18.87 0.52
CA PHE A 15 -1.51 -19.15 -0.71
C PHE A 15 -0.63 -19.86 -1.70
N GLU A 16 0.22 -18.94 -2.24
CA GLU A 16 1.23 -19.23 -3.27
C GLU A 16 2.07 -20.41 -2.82
N LYS A 17 2.82 -20.18 -1.73
CA LYS A 17 3.68 -21.30 -1.28
C LYS A 17 3.09 -22.67 -1.08
N LYS A 18 1.80 -22.87 -1.05
CA LYS A 18 1.07 -24.10 -0.77
C LYS A 18 0.03 -24.27 -1.82
N SER A 19 0.11 -23.25 -2.70
CA SER A 19 -0.75 -23.32 -3.92
C SER A 19 -2.23 -23.30 -3.63
N LEU A 20 -2.59 -22.38 -2.72
CA LEU A 20 -3.96 -22.05 -2.32
C LEU A 20 -4.11 -20.65 -2.95
N GLU A 21 -5.28 -20.39 -3.38
CA GLU A 21 -5.87 -19.27 -4.08
C GLU A 21 -6.78 -18.53 -3.07
N ASP A 22 -6.74 -17.18 -3.15
CA ASP A 22 -7.65 -16.44 -2.22
C ASP A 22 -8.94 -16.25 -3.08
N LYS A 23 -9.95 -15.94 -2.32
CA LYS A 23 -11.28 -15.79 -2.80
C LYS A 23 -11.43 -14.79 -3.90
N THR A 24 -10.57 -13.86 -4.20
CA THR A 24 -10.84 -12.91 -5.30
C THR A 24 -9.74 -12.67 -6.30
N GLU A 25 -8.64 -13.43 -6.14
CA GLU A 25 -7.47 -13.40 -7.00
C GLU A 25 -7.87 -13.49 -8.49
N ARG A 26 -8.68 -14.52 -8.69
CA ARG A 26 -9.28 -14.80 -10.00
C ARG A 26 -9.67 -13.49 -10.70
N GLU A 27 -10.36 -12.65 -9.94
CA GLU A 27 -10.92 -11.40 -10.41
C GLU A 27 -9.93 -10.64 -11.27
N LEU A 28 -8.79 -10.51 -10.61
CA LEU A 28 -7.66 -9.77 -11.20
C LEU A 28 -7.14 -10.39 -12.50
N LEU A 29 -6.94 -11.69 -12.39
CA LEU A 29 -6.31 -12.56 -13.43
C LEU A 29 -7.20 -12.49 -14.66
N GLU A 30 -8.49 -12.58 -14.38
CA GLU A 30 -9.54 -12.46 -15.37
C GLU A 30 -9.63 -11.08 -16.01
N SER A 31 -8.92 -10.08 -15.45
CA SER A 31 -8.83 -8.73 -15.96
C SER A 31 -7.57 -8.54 -16.86
N TYR A 32 -6.48 -9.17 -16.50
CA TYR A 32 -5.21 -9.03 -17.32
C TYR A 32 -5.55 -10.03 -18.40
N ILE A 33 -6.84 -10.01 -18.63
CA ILE A 33 -7.62 -10.86 -19.52
C ILE A 33 -7.46 -12.38 -19.29
N ASP A 34 -7.31 -12.76 -18.05
CA ASP A 34 -7.16 -14.19 -17.72
C ASP A 34 -5.68 -14.57 -17.84
N GLY A 35 -5.20 -15.01 -16.68
CA GLY A 35 -3.88 -15.45 -16.36
C GLY A 35 -3.00 -16.29 -17.26
N ARG A 36 -2.00 -16.85 -16.52
CA ARG A 36 -1.01 -17.71 -17.13
C ARG A 36 -1.71 -19.08 -17.39
N ILE B 1 -10.95 1.57 3.43
CA ILE B 1 -11.48 0.89 2.23
C ILE B 1 -13.01 1.03 2.25
N VAL B 2 -13.61 1.63 1.26
CA VAL B 2 -15.09 1.81 1.13
C VAL B 2 -15.57 0.78 0.10
N GLU B 3 -16.54 0.03 0.53
CA GLU B 3 -17.32 -1.07 -0.03
C GLU B 3 -16.47 -2.28 -0.43
N GLY B 4 -15.50 -2.62 0.37
CA GLY B 4 -14.54 -3.65 0.35
C GLY B 4 -14.94 -4.92 1.08
N SER B 5 -14.03 -5.75 1.59
CA SER B 5 -14.21 -7.03 2.21
C SER B 5 -13.08 -7.30 3.19
N ASP B 6 -13.32 -8.18 4.14
CA ASP B 6 -12.30 -8.45 5.16
C ASP B 6 -11.18 -9.25 4.50
N ALA B 7 -9.96 -8.93 4.97
CA ALA B 7 -8.86 -9.75 4.44
C ALA B 7 -9.01 -11.17 4.96
N GLU B 8 -8.42 -12.14 4.30
CA GLU B 8 -8.27 -13.52 4.61
C GLU B 8 -6.94 -13.59 5.38
N ILE B 9 -6.76 -14.64 6.16
CA ILE B 9 -5.46 -14.70 6.86
C ILE B 9 -4.43 -15.14 5.79
N GLY B 10 -3.30 -14.48 5.94
CA GLY B 10 -2.13 -14.51 5.13
C GLY B 10 -2.39 -13.90 3.73
N MET B 11 -3.43 -13.12 3.52
CA MET B 11 -3.72 -12.65 2.14
C MET B 11 -2.89 -11.51 1.54
N SER B 12 -2.50 -10.71 2.45
CA SER B 12 -1.63 -9.56 2.30
C SER B 12 -0.49 -9.48 3.28
N PRO B 13 0.57 -10.27 3.17
CA PRO B 13 1.70 -10.28 4.03
C PRO B 13 2.69 -9.16 4.20
N TRP B 14 2.72 -8.26 3.26
CA TRP B 14 3.59 -7.09 3.15
C TRP B 14 2.97 -5.90 3.90
N GLN B 15 1.67 -6.01 4.11
CA GLN B 15 0.93 -4.86 4.76
C GLN B 15 1.50 -4.53 6.15
N VAL B 16 1.55 -3.23 6.40
CA VAL B 16 2.12 -2.59 7.57
C VAL B 16 1.17 -1.56 8.10
N MET B 17 1.22 -1.31 9.37
CA MET B 17 0.39 -0.31 10.04
C MET B 17 1.46 0.76 10.43
N LEU B 18 1.08 1.99 10.07
CA LEU B 18 1.98 3.08 10.45
C LEU B 18 1.27 3.42 11.80
N PHE B 19 2.09 3.13 12.81
CA PHE B 19 1.56 3.35 14.19
C PHE B 19 2.33 4.42 14.97
N ARG B 20 1.54 5.35 15.46
CA ARG B 20 1.96 6.45 16.30
C ARG B 20 1.78 5.92 17.75
N LYS B 21 2.89 5.91 18.40
CA LYS B 21 3.24 5.55 19.74
C LYS B 21 2.33 6.26 20.77
N SER B 22 2.36 7.57 20.56
CA SER B 22 1.64 8.46 21.46
C SER B 22 0.99 9.74 20.97
N PRO B 23 -0.32 9.87 20.97
CA PRO B 23 -1.32 8.85 21.29
C PRO B 23 -1.08 7.52 20.56
N GLN B 24 -1.94 6.50 20.76
CA GLN B 24 -1.62 5.21 20.12
C GLN B 24 -2.65 5.00 19.00
N GLU B 25 -2.20 5.40 17.82
CA GLU B 25 -3.21 5.28 16.75
C GLU B 25 -2.47 5.05 15.45
N LEU B 26 -3.17 4.38 14.59
CA LEU B 26 -2.68 4.06 13.26
C LEU B 26 -2.59 5.46 12.57
N LEU B 27 -1.53 5.56 11.77
CA LEU B 27 -1.41 6.82 11.01
C LEU B 27 -1.54 6.48 9.54
N CYS B 28 -1.26 5.22 9.16
CA CYS B 28 -1.40 4.89 7.72
C CYS B 28 -1.06 3.42 7.60
N GLY B 29 -1.08 2.99 6.35
CA GLY B 29 -0.82 1.71 5.72
C GLY B 29 0.66 1.78 5.29
N ALA B 30 1.13 0.77 4.56
CA ALA B 30 2.60 0.83 4.21
C ALA B 30 3.00 -0.56 3.78
N SER B 31 4.22 -0.78 3.36
CA SER B 31 4.52 -2.15 2.86
C SER B 31 5.99 -2.47 2.99
N LEU B 32 6.16 -3.76 3.22
CA LEU B 32 7.47 -4.43 3.50
C LEU B 32 7.97 -4.97 2.17
N ILE B 33 9.03 -4.42 1.66
CA ILE B 33 9.51 -4.78 0.29
C ILE B 33 10.75 -5.64 0.44
N SER B 34 11.10 -5.70 1.70
CA SER B 34 12.30 -6.33 2.29
C SER B 34 12.04 -6.48 3.82
N ASP B 35 12.98 -7.20 4.45
CA ASP B 35 13.00 -7.44 5.90
C ASP B 35 13.58 -6.24 6.65
N ARG B 36 14.00 -5.18 5.94
CA ARG B 36 14.46 -3.99 6.65
C ARG B 36 13.92 -2.66 6.14
N TRP B 37 13.16 -2.65 5.11
CA TRP B 37 12.61 -1.50 4.40
C TRP B 37 11.10 -1.49 4.16
N VAL B 38 10.51 -0.35 4.55
CA VAL B 38 9.04 -0.16 4.37
C VAL B 38 8.82 1.07 3.50
N LEU B 39 7.91 0.86 2.56
CA LEU B 39 7.51 1.85 1.58
C LEU B 39 6.25 2.59 1.91
N THR B 40 6.16 3.84 2.25
CA THR B 40 4.78 4.42 2.42
C THR B 40 4.63 5.61 1.45
N ALA B 41 3.66 6.43 1.72
CA ALA B 41 3.25 7.71 1.09
C ALA B 41 4.03 8.80 1.82
N ALA B 42 4.67 9.70 1.12
CA ALA B 42 5.45 10.76 1.74
C ALA B 42 4.56 11.57 2.71
N HIS B 43 3.29 11.76 2.50
CA HIS B 43 2.27 12.49 3.23
C HIS B 43 1.84 11.82 4.57
N CYS B 44 2.31 10.60 4.77
CA CYS B 44 2.04 9.80 6.00
C CYS B 44 3.06 10.30 7.03
N LEU B 45 4.12 10.84 6.53
CA LEU B 45 5.27 11.39 7.22
C LEU B 45 5.37 12.91 7.20
N LEU B 46 5.19 13.63 6.00
CA LEU B 46 5.34 15.07 6.05
C LEU B 46 4.21 15.82 5.37
N TYR B 47 3.64 16.80 6.08
CA TYR B 47 2.52 17.53 5.44
C TYR B 47 2.36 18.87 6.16
N PRO B 48 3.18 19.82 5.71
CA PRO B 48 3.30 21.12 6.42
C PRO B 48 1.98 21.76 6.59
N PRO B 49 1.22 21.74 5.51
CA PRO B 49 -0.10 22.34 5.52
C PRO B 49 -0.87 21.90 6.77
N TRP B 50 -0.69 20.66 7.14
CA TRP B 50 -1.50 20.11 8.27
C TRP B 50 -0.76 19.96 9.55
N ASP B 51 0.40 20.50 9.64
CA ASP B 51 1.38 20.48 10.74
C ASP B 51 1.92 19.10 11.01
N LYS B 52 2.03 18.35 9.94
CA LYS B 52 2.54 16.99 9.98
C LYS B 52 4.03 16.99 9.67
N ASN B 53 4.76 16.30 10.55
CA ASN B 53 6.20 16.17 10.41
C ASN B 53 6.78 15.05 11.28
N PHE B 54 6.23 13.89 11.19
CA PHE B 54 6.80 12.72 11.86
C PHE B 54 8.29 12.58 11.68
N THR B 55 8.94 12.46 12.82
CA THR B 55 10.33 12.18 13.13
C THR B 55 10.24 10.65 13.44
N GLU B 56 11.29 9.93 13.20
CA GLU B 56 11.42 8.49 13.51
C GLU B 56 10.93 8.10 14.88
N ASN B 57 11.11 8.92 15.90
CA ASN B 57 10.69 8.69 17.28
C ASN B 57 9.19 8.52 17.48
N ASP B 58 8.46 9.31 16.77
CA ASP B 58 7.02 9.36 16.84
C ASP B 58 6.42 8.07 16.32
N LEU B 59 7.21 7.20 15.80
CA LEU B 59 6.73 6.00 15.14
C LEU B 59 7.23 4.62 15.42
N LEU B 60 6.23 3.75 15.24
CA LEU B 60 6.51 2.30 15.37
C LEU B 60 5.88 1.70 14.12
N VAL B 61 6.40 0.56 13.80
CA VAL B 61 5.86 -0.13 12.56
C VAL B 61 5.25 -1.43 12.96
N ARG B 62 4.04 -1.78 12.63
CA ARG B 62 3.37 -3.05 12.93
C ARG B 62 3.07 -3.91 11.71
N ILE B 63 3.73 -5.09 11.63
CA ILE B 63 3.64 -6.06 10.60
C ILE B 63 3.08 -7.41 11.09
N GLY B 64 2.40 -8.18 10.27
CA GLY B 64 1.81 -9.46 10.63
C GLY B 64 0.30 -9.24 10.89
N LYS B 65 -0.14 -8.00 11.08
CA LYS B 65 -1.46 -7.58 11.36
C LYS B 65 -2.55 -7.88 10.35
N HIS B 66 -3.68 -8.22 10.93
CA HIS B 66 -4.98 -8.55 10.33
C HIS B 66 -6.06 -7.67 11.01
N SER B 67 -6.06 -7.80 12.33
CA SER B 67 -7.00 -7.01 13.20
C SER B 67 -6.29 -5.65 13.37
N ARG B 68 -7.14 -4.67 13.20
CA ARG B 68 -6.81 -3.25 13.34
C ARG B 68 -6.34 -2.88 14.76
N THR B 69 -7.31 -2.96 15.66
CA THR B 69 -7.15 -2.60 17.08
C THR B 69 -6.29 -3.32 18.08
N ARG B 70 -6.30 -4.60 18.10
CA ARG B 70 -5.60 -5.48 19.05
C ARG B 70 -4.17 -5.78 18.79
N TYR B 71 -3.37 -5.93 19.83
CA TYR B 71 -1.94 -6.31 19.73
C TYR B 71 -1.84 -7.80 19.44
N GLU B 72 -1.60 -8.31 18.28
CA GLU B 72 -1.54 -9.61 17.68
C GLU B 72 -0.33 -10.48 17.98
N ARG B 73 -0.27 -10.65 19.23
CA ARG B 73 0.38 -11.17 20.36
C ARG B 73 1.50 -12.04 19.84
N ASN B 74 1.11 -13.17 19.26
CA ASN B 74 2.21 -13.97 18.72
C ASN B 74 2.22 -13.88 17.18
N ILE B 75 1.30 -13.15 16.53
CA ILE B 75 1.33 -13.07 15.06
C ILE B 75 2.14 -11.91 14.47
N GLU B 76 1.95 -10.72 14.98
CA GLU B 76 2.62 -9.48 14.54
C GLU B 76 3.93 -9.28 15.23
N LYS B 77 4.73 -8.42 14.64
CA LYS B 77 6.00 -7.91 15.09
C LYS B 77 5.89 -6.37 14.88
N ILE B 78 6.37 -5.69 15.87
CA ILE B 78 6.44 -4.26 16.00
C ILE B 78 7.86 -3.77 15.81
N SER B 79 8.04 -2.82 14.84
CA SER B 79 9.40 -2.32 14.62
C SER B 79 9.39 -0.83 14.94
N MET B 80 10.67 -0.48 15.04
CA MET B 80 11.10 0.90 15.32
C MET B 80 11.85 1.29 14.05
N LEU B 81 11.48 2.52 13.69
CA LEU B 81 12.08 3.11 12.47
C LEU B 81 13.51 3.49 12.85
N GLU B 82 14.38 3.21 11.89
CA GLU B 82 15.81 3.59 12.11
C GLU B 82 16.00 4.93 11.38
N LYS B 83 15.62 4.89 10.07
CA LYS B 83 15.75 6.11 9.24
C LYS B 83 14.50 6.34 8.40
N ILE B 84 14.26 7.56 8.03
CA ILE B 84 13.14 7.96 7.16
C ILE B 84 13.77 8.71 5.96
N TYR B 85 13.17 8.40 4.81
CA TYR B 85 13.63 9.03 3.56
C TYR B 85 12.37 9.41 2.77
N ILE B 86 12.31 10.70 2.57
CA ILE B 86 11.16 11.31 1.86
C ILE B 86 11.67 11.53 0.42
N HIS B 87 10.78 11.47 -0.50
CA HIS B 87 11.23 11.61 -1.95
C HIS B 87 11.69 13.02 -2.09
N PRO B 88 12.91 13.36 -2.45
CA PRO B 88 13.35 14.74 -2.58
C PRO B 88 12.43 15.65 -3.38
N ARG B 89 11.70 15.30 -4.37
CA ARG B 89 10.85 16.20 -5.13
C ARG B 89 9.36 15.84 -5.01
N TYR B 90 9.09 15.45 -3.78
CA TYR B 90 7.72 15.14 -3.27
C TYR B 90 6.97 16.49 -3.26
N ASN B 91 5.79 16.66 -3.82
CA ASN B 91 5.20 18.07 -3.85
C ASN B 91 3.97 18.17 -2.99
N TRP B 92 4.25 18.50 -1.70
CA TRP B 92 3.21 18.67 -0.70
C TRP B 92 2.45 19.93 -1.02
N ARG B 93 3.07 20.97 -1.43
CA ARG B 93 2.48 22.29 -1.79
C ARG B 93 1.41 22.23 -2.88
N GLU B 94 1.49 21.22 -3.78
CA GLU B 94 0.52 21.16 -4.78
C GLU B 94 -0.39 20.02 -4.99
N ASN B 95 0.13 18.97 -5.58
CA ASN B 95 -0.71 17.83 -6.00
C ASN B 95 -0.25 16.49 -5.39
N LEU B 96 0.73 16.53 -4.48
CA LEU B 96 1.32 15.37 -3.83
C LEU B 96 1.99 14.50 -4.91
N ASP B 97 2.64 15.12 -5.83
CA ASP B 97 3.43 14.51 -6.90
C ASP B 97 4.66 13.98 -6.05
N ARG B 98 5.08 12.83 -6.45
CA ARG B 98 6.09 11.93 -5.89
C ARG B 98 5.79 11.64 -4.39
N ASP B 99 4.59 11.20 -4.08
CA ASP B 99 4.17 10.91 -2.65
C ASP B 99 4.87 9.59 -2.23
N ILE B 100 6.09 9.70 -1.80
CA ILE B 100 6.77 8.32 -1.59
C ILE B 100 7.80 8.59 -0.54
N ALA B 101 7.97 7.51 0.25
CA ALA B 101 8.90 7.60 1.41
C ALA B 101 9.30 6.16 1.73
N LEU B 102 10.47 6.14 2.37
CA LEU B 102 11.05 4.85 2.83
C LEU B 102 11.45 5.08 4.31
N MET B 103 11.34 3.98 4.97
CA MET B 103 11.57 3.75 6.43
C MET B 103 12.31 2.44 6.56
N LYS B 104 13.49 2.64 7.24
CA LYS B 104 14.34 1.45 7.37
C LYS B 104 14.28 1.14 8.88
N LEU B 105 13.82 -0.07 9.08
CA LEU B 105 13.62 -0.66 10.43
C LEU B 105 14.92 -0.75 11.21
N LYS B 106 14.77 -0.59 12.58
CA LYS B 106 15.97 -0.60 13.41
C LYS B 106 16.63 -1.97 13.39
N LYS B 107 15.94 -3.02 12.96
CA LYS B 107 16.51 -4.37 12.86
C LYS B 107 15.66 -5.24 11.92
N PRO B 108 16.36 -6.17 11.37
CA PRO B 108 15.74 -7.10 10.41
C PRO B 108 14.48 -7.69 10.92
N VAL B 109 13.43 -7.75 10.16
CA VAL B 109 12.15 -8.37 10.42
C VAL B 109 12.29 -9.84 9.92
N ALA B 110 11.52 -10.68 10.66
CA ALA B 110 11.48 -12.10 10.31
C ALA B 110 10.24 -12.51 9.58
N PHE B 111 10.42 -13.14 8.43
CA PHE B 111 9.46 -13.62 7.46
C PHE B 111 8.62 -14.68 8.07
N SER B 112 7.42 -14.91 7.60
CA SER B 112 6.52 -15.89 8.30
C SER B 112 5.28 -16.08 7.45
N ASP B 113 4.35 -16.77 8.05
CA ASP B 113 3.07 -17.08 7.43
C ASP B 113 2.26 -15.82 7.19
N TYR B 114 2.54 -14.80 7.96
CA TYR B 114 1.88 -13.51 8.06
C TYR B 114 2.72 -12.30 7.63
N ILE B 115 4.04 -12.49 7.57
CA ILE B 115 5.05 -11.47 7.28
C ILE B 115 5.98 -11.99 6.17
N HIS B 116 5.82 -11.32 5.05
CA HIS B 116 6.61 -11.68 3.78
C HIS B 116 6.30 -10.49 2.86
N PRO B 117 7.34 -10.01 2.22
CA PRO B 117 7.29 -8.90 1.27
C PRO B 117 6.84 -9.21 -0.15
N VAL B 118 6.34 -8.11 -0.74
CA VAL B 118 5.79 -7.85 -2.07
C VAL B 118 6.97 -7.53 -2.99
N CYS B 119 6.71 -7.88 -4.28
CA CYS B 119 7.85 -7.48 -5.20
C CYS B 119 7.76 -6.02 -5.61
N LEU B 120 8.85 -5.36 -5.90
CA LEU B 120 8.66 -4.00 -6.55
C LEU B 120 8.82 -4.34 -8.08
N PRO B 121 8.03 -3.66 -8.92
CA PRO B 121 8.04 -3.88 -10.36
C PRO B 121 9.31 -3.54 -11.15
N ASP B 122 9.41 -4.32 -12.28
CA ASP B 122 10.46 -3.94 -13.29
C ASP B 122 9.64 -3.21 -14.42
N ARG B 123 10.41 -2.58 -15.31
CA ARG B 123 9.94 -1.77 -16.45
C ARG B 123 8.96 -2.62 -17.25
N GLU B 124 9.30 -3.88 -17.55
CA GLU B 124 8.38 -4.77 -18.27
C GLU B 124 7.17 -5.29 -17.53
N THR B 125 7.24 -5.32 -16.18
CA THR B 125 6.07 -5.76 -15.33
C THR B 125 4.97 -4.69 -15.59
N ALA B 126 5.28 -3.49 -15.20
CA ALA B 126 4.53 -2.26 -15.32
C ALA B 126 3.94 -2.12 -16.72
N ALA B 127 4.74 -2.41 -17.73
CA ALA B 127 4.24 -2.34 -19.09
C ALA B 127 3.07 -3.27 -19.32
N SER B 128 3.39 -4.58 -19.13
CA SER B 128 2.25 -5.50 -19.32
C SER B 128 1.11 -5.22 -18.36
N LEU B 129 1.28 -4.75 -17.15
CA LEU B 129 0.23 -4.59 -16.17
C LEU B 129 -0.62 -3.34 -15.99
N LEU B 130 -0.02 -2.19 -15.83
CA LEU B 130 -0.71 -0.91 -15.61
C LEU B 130 -1.26 -0.54 -16.98
N GLN B 131 -2.40 -1.01 -17.37
CA GLN B 131 -3.16 -0.80 -18.57
C GLN B 131 -4.59 -0.65 -18.02
N ALA B 132 -5.25 0.40 -18.50
CA ALA B 132 -6.60 0.69 -18.08
C ALA B 132 -7.43 -0.61 -18.18
N GLY B 133 -8.27 -0.83 -17.14
CA GLY B 133 -9.12 -2.01 -17.12
C GLY B 133 -8.62 -3.17 -16.20
N TYR B 134 -7.30 -3.37 -16.29
CA TYR B 134 -6.56 -4.31 -15.48
C TYR B 134 -6.90 -4.01 -14.00
N LYS B 135 -7.19 -5.13 -13.34
CA LYS B 135 -7.50 -4.95 -11.89
C LYS B 135 -6.27 -5.11 -11.04
N GLY B 136 -6.23 -4.39 -9.97
CA GLY B 136 -5.28 -4.29 -8.87
C GLY B 136 -6.07 -4.37 -7.58
N ARG B 137 -5.27 -4.45 -6.50
CA ARG B 137 -5.90 -4.62 -5.16
C ARG B 137 -5.38 -3.66 -4.14
N VAL B 138 -6.27 -3.04 -3.35
CA VAL B 138 -5.95 -2.12 -2.28
C VAL B 138 -6.34 -2.76 -0.89
N THR B 139 -5.53 -2.40 0.09
CA THR B 139 -5.74 -2.82 1.45
C THR B 139 -5.45 -1.69 2.44
N GLY B 140 -6.26 -1.86 3.50
CA GLY B 140 -6.19 -0.95 4.63
C GLY B 140 -7.23 -1.34 5.71
N TRP B 141 -7.03 -0.61 6.73
CA TRP B 141 -7.48 -0.39 8.06
C TRP B 141 -8.08 1.03 8.11
N GLY B 142 -8.26 1.58 6.90
CA GLY B 142 -8.89 2.91 6.84
C GLY B 142 -10.39 2.99 6.84
N ASN B 143 -10.87 4.24 6.74
CA ASN B 143 -12.30 4.52 6.80
C ASN B 143 -13.06 3.53 5.90
N LEU B 144 -14.15 3.09 6.52
CA LEU B 144 -15.07 2.19 5.80
C LEU B 144 -16.11 2.99 5.02
N LYS B 145 -16.21 4.26 5.36
CA LYS B 145 -17.30 5.09 4.73
C LYS B 145 -16.70 6.49 4.70
N GLU B 146 -17.01 7.27 3.67
CA GLU B 146 -16.44 8.62 3.63
C GLU B 146 -16.74 9.30 4.99
N THR B 147 -18.04 9.37 5.13
CA THR B 147 -18.72 9.94 6.33
C THR B 147 -20.15 9.50 6.55
N GLY B 155 -17.74 3.67 9.03
CA GLY B 155 -17.35 3.11 10.37
C GLY B 155 -15.83 2.93 10.30
N GLN B 156 -15.29 1.98 11.01
CA GLN B 156 -13.88 1.58 11.07
C GLN B 156 -13.92 0.03 11.09
N PRO B 157 -12.98 -0.55 10.38
CA PRO B 157 -12.98 -1.99 10.22
C PRO B 157 -12.51 -2.66 11.50
N SER B 158 -12.94 -3.90 11.61
CA SER B 158 -12.38 -4.59 12.77
C SER B 158 -11.12 -5.26 12.14
N VAL B 159 -11.37 -5.70 10.93
CA VAL B 159 -10.25 -6.44 10.29
C VAL B 159 -9.78 -5.72 9.05
N LEU B 160 -8.47 -5.94 8.83
CA LEU B 160 -7.82 -5.44 7.60
C LEU B 160 -8.78 -5.63 6.39
N GLN B 161 -8.94 -4.56 5.62
CA GLN B 161 -9.86 -4.59 4.44
C GLN B 161 -9.26 -4.66 3.05
N VAL B 162 -9.92 -5.29 2.08
CA VAL B 162 -9.48 -5.53 0.71
C VAL B 162 -10.48 -5.06 -0.34
N VAL B 163 -9.93 -4.56 -1.48
CA VAL B 163 -10.77 -4.17 -2.61
C VAL B 163 -9.93 -4.10 -3.90
N ASN B 164 -10.34 -4.78 -4.88
CA ASN B 164 -9.86 -4.97 -6.25
C ASN B 164 -10.54 -3.88 -7.12
N LEU B 165 -9.69 -3.10 -7.73
CA LEU B 165 -10.17 -1.96 -8.57
C LEU B 165 -9.43 -1.86 -9.89
N PRO B 166 -10.27 -1.58 -10.86
CA PRO B 166 -9.77 -1.39 -12.25
C PRO B 166 -9.06 -0.05 -12.45
N ILE B 167 -7.89 -0.17 -13.05
CA ILE B 167 -7.02 0.96 -13.47
C ILE B 167 -7.84 1.72 -14.57
N VAL B 168 -7.90 3.05 -14.37
CA VAL B 168 -8.68 3.90 -15.31
C VAL B 168 -7.78 4.61 -16.32
N GLU B 169 -8.19 4.72 -17.53
CA GLU B 169 -7.50 5.38 -18.68
C GLU B 169 -7.21 6.82 -18.28
N ARG B 170 -6.00 7.29 -18.51
CA ARG B 170 -5.54 8.60 -18.10
C ARG B 170 -6.47 9.77 -18.23
N PRO B 171 -7.06 9.92 -19.43
CA PRO B 171 -7.97 11.01 -19.72
C PRO B 171 -9.02 11.13 -18.63
N VAL B 172 -9.75 10.07 -18.33
CA VAL B 172 -10.77 9.96 -17.25
C VAL B 172 -10.24 10.50 -15.93
N CYS B 173 -9.02 10.09 -15.64
CA CYS B 173 -8.39 10.57 -14.38
C CYS B 173 -8.52 12.10 -14.42
N LYS B 174 -7.93 12.64 -15.47
CA LYS B 174 -7.87 14.07 -15.69
C LYS B 174 -9.22 14.75 -15.65
N ASP B 175 -10.24 14.33 -16.36
CA ASP B 175 -11.55 14.97 -16.44
C ASP B 175 -12.45 14.74 -15.22
N SER B 176 -11.81 14.03 -14.29
CA SER B 176 -12.50 13.74 -13.03
C SER B 176 -12.13 14.81 -12.04
N THR B 177 -11.02 15.46 -12.15
CA THR B 177 -10.55 16.46 -11.16
C THR B 177 -10.08 17.80 -11.74
N ARG B 178 -9.68 18.68 -10.87
CA ARG B 178 -9.19 20.00 -11.12
C ARG B 178 -7.70 20.06 -10.75
N ILE B 179 -7.35 19.04 -10.04
CA ILE B 179 -5.96 18.84 -9.56
C ILE B 179 -5.15 18.42 -10.79
N ARG B 180 -3.95 18.86 -10.81
CA ARG B 180 -2.95 18.54 -11.85
C ARG B 180 -2.18 17.22 -11.60
N ILE B 181 -2.66 16.19 -12.24
CA ILE B 181 -2.18 14.82 -12.29
C ILE B 181 -0.77 14.79 -12.92
N THR B 182 0.12 13.89 -12.52
CA THR B 182 1.42 13.76 -13.16
C THR B 182 1.61 12.33 -13.62
N ASP B 183 2.71 12.08 -14.28
CA ASP B 183 3.03 10.72 -14.83
C ASP B 183 3.33 9.75 -13.68
N ASN B 184 3.72 10.35 -12.58
CA ASN B 184 3.97 9.63 -11.34
C ASN B 184 2.60 9.35 -10.70
N MET B 185 1.49 9.42 -11.36
CA MET B 185 0.16 9.20 -10.77
C MET B 185 -0.59 8.28 -11.72
N PHE B 186 -1.48 7.54 -11.20
CA PHE B 186 -2.44 6.66 -11.90
C PHE B 186 -3.67 6.77 -10.96
N CYS B 187 -4.87 6.57 -11.37
CA CYS B 187 -6.12 6.67 -10.63
C CYS B 187 -6.75 5.29 -10.82
N ALA B 188 -7.61 4.98 -9.87
CA ALA B 188 -8.31 3.71 -9.92
C ALA B 188 -9.72 3.74 -9.38
N GLY B 189 -10.55 2.94 -10.03
CA GLY B 189 -11.92 2.68 -9.80
C GLY B 189 -12.74 2.35 -11.02
N TYR B 190 -14.00 2.09 -10.64
CA TYR B 190 -15.10 1.78 -11.49
C TYR B 190 -15.69 3.11 -11.92
N LYS B 191 -16.37 3.02 -13.03
CA LYS B 191 -17.05 4.25 -13.52
C LYS B 191 -18.47 3.91 -12.90
N PRO B 192 -19.26 4.95 -12.89
CA PRO B 192 -20.62 4.84 -12.36
C PRO B 192 -21.39 4.00 -13.36
N ASP B 193 -20.96 4.11 -14.62
CA ASP B 193 -21.66 3.30 -15.65
C ASP B 193 -21.68 1.87 -15.03
N GLU B 194 -20.47 1.53 -14.63
CA GLU B 194 -19.85 0.35 -14.16
C GLU B 194 -20.46 -0.38 -12.99
N GLY B 195 -21.24 0.46 -12.30
CA GLY B 195 -22.03 0.14 -11.16
C GLY B 195 -21.30 -0.90 -10.33
N LYS B 196 -20.11 -0.55 -9.90
CA LYS B 196 -19.36 -1.49 -9.00
C LYS B 196 -18.73 -0.53 -8.06
N ARG B 197 -18.63 -0.81 -6.76
CA ARG B 197 -18.04 0.27 -5.90
C ARG B 197 -16.76 -0.15 -5.22
N GLY B 198 -16.15 0.83 -4.57
CA GLY B 198 -14.92 0.61 -3.81
C GLY B 198 -13.93 1.73 -3.96
N ASP B 199 -13.47 2.16 -2.78
CA ASP B 199 -12.47 3.25 -2.75
C ASP B 199 -11.65 2.81 -1.54
N ALA B 200 -10.55 3.45 -1.43
CA ALA B 200 -9.60 3.45 -0.37
C ALA B 200 -10.34 4.60 0.41
N CYS B 201 -9.79 4.97 1.50
CA CYS B 201 -10.40 6.04 2.33
C CYS B 201 -9.39 6.48 3.33
N GLU B 202 -9.92 7.30 4.22
CA GLU B 202 -9.04 7.93 5.25
C GLU B 202 -8.48 6.84 6.15
N GLY B 203 -7.18 6.99 6.25
CA GLY B 203 -6.26 6.14 7.01
C GLY B 203 -5.78 5.08 6.02
N ASP B 204 -6.26 5.15 4.76
CA ASP B 204 -5.72 4.15 3.76
C ASP B 204 -4.37 4.61 3.22
N SER B 205 -4.10 5.90 3.19
CA SER B 205 -2.78 6.35 2.68
C SER B 205 -1.68 5.37 3.05
N GLY B 206 -0.70 5.21 2.15
CA GLY B 206 0.52 4.46 2.34
C GLY B 206 0.44 2.99 2.05
N GLY B 207 -0.82 2.58 1.92
CA GLY B 207 -1.01 1.13 1.67
C GLY B 207 -0.62 0.96 0.21
N PRO B 208 -0.58 -0.30 -0.19
CA PRO B 208 -0.25 -0.63 -1.57
C PRO B 208 -1.42 -1.05 -2.43
N PHE B 209 -1.14 -0.77 -3.72
CA PHE B 209 -1.95 -1.10 -4.91
C PHE B 209 -0.93 -2.09 -5.49
N VAL B 210 -1.34 -3.33 -5.53
CA VAL B 210 -0.55 -4.51 -5.90
C VAL B 210 -1.49 -5.14 -6.95
N MET B 211 -0.88 -5.95 -7.77
CA MET B 211 -1.52 -6.68 -8.86
C MET B 211 -0.70 -8.01 -8.79
N LYS B 212 -1.30 -9.11 -9.12
CA LYS B 212 -0.44 -10.31 -9.19
C LYS B 212 0.07 -10.61 -10.61
N SER B 213 1.36 -10.51 -10.94
CA SER B 213 1.82 -10.91 -12.30
C SER B 213 1.31 -12.26 -12.77
N PRO B 214 0.69 -12.32 -13.91
CA PRO B 214 0.16 -13.58 -14.48
C PRO B 214 1.21 -14.36 -15.24
N PHE B 215 2.45 -13.85 -15.22
CA PHE B 215 3.59 -14.46 -15.89
C PHE B 215 4.40 -15.30 -14.89
N ASN B 216 4.57 -14.72 -13.68
CA ASN B 216 5.39 -15.51 -12.73
C ASN B 216 4.67 -15.75 -11.38
N ASN B 217 3.47 -15.30 -11.51
CA ASN B 217 2.31 -15.20 -10.66
C ASN B 217 2.74 -14.78 -9.26
N ARG B 218 3.64 -13.82 -9.26
CA ARG B 218 4.20 -13.08 -8.16
C ARG B 218 3.35 -11.81 -7.86
N TRP B 219 3.33 -11.24 -6.66
CA TRP B 219 2.49 -10.06 -6.30
C TRP B 219 3.43 -8.85 -6.35
N TYR B 220 3.06 -7.80 -7.02
CA TYR B 220 3.87 -6.61 -7.21
C TYR B 220 3.18 -5.33 -6.70
N GLN B 221 3.90 -4.41 -6.12
CA GLN B 221 3.20 -3.16 -5.69
C GLN B 221 3.35 -2.13 -6.81
N MET B 222 2.30 -1.96 -7.57
CA MET B 222 1.99 -1.07 -8.65
C MET B 222 1.86 0.37 -8.10
N GLY B 223 1.08 0.55 -7.05
CA GLY B 223 0.77 1.75 -6.37
C GLY B 223 0.84 1.85 -4.86
N ILE B 224 0.80 3.10 -4.43
CA ILE B 224 0.78 3.64 -3.06
C ILE B 224 -0.46 4.61 -3.01
N VAL B 225 -1.43 4.28 -2.21
CA VAL B 225 -2.66 5.04 -1.90
C VAL B 225 -2.17 6.47 -1.54
N SER B 226 -2.68 7.47 -2.32
CA SER B 226 -2.23 8.83 -2.16
C SER B 226 -3.21 9.89 -1.68
N TRP B 227 -4.12 10.14 -2.61
CA TRP B 227 -5.18 11.14 -2.55
C TRP B 227 -6.33 10.81 -3.47
N GLY B 228 -7.34 11.62 -3.26
CA GLY B 228 -8.64 11.57 -3.89
C GLY B 228 -9.55 12.55 -3.12
N GLU B 229 -10.71 12.67 -3.75
CA GLU B 229 -11.83 13.53 -3.28
C GLU B 229 -13.03 12.68 -2.83
N GLY B 230 -13.24 12.74 -1.55
CA GLY B 230 -14.28 11.95 -0.83
C GLY B 230 -13.77 10.48 -0.83
N CYS B 231 -14.74 9.61 -0.67
CA CYS B 231 -14.44 8.15 -0.66
C CYS B 231 -15.64 7.56 -1.42
N ASP B 232 -15.30 6.67 -2.28
CA ASP B 232 -16.33 6.03 -3.14
C ASP B 232 -17.38 6.97 -3.68
N ARG B 233 -16.76 8.48 -4.43
CA ARG B 233 -17.82 9.41 -5.01
C ARG B 233 -17.89 9.24 -6.50
N ASP B 234 -19.25 9.06 -6.95
CA ASP B 234 -19.37 8.86 -8.40
C ASP B 234 -18.64 9.85 -9.32
N GLY B 235 -18.02 9.36 -10.34
CA GLY B 235 -17.21 10.11 -11.31
C GLY B 235 -15.94 10.56 -10.60
N LYS B 236 -15.62 9.86 -9.48
CA LYS B 236 -14.40 10.18 -8.72
C LYS B 236 -13.64 8.87 -8.52
N TYR B 237 -12.33 8.85 -8.62
CA TYR B 237 -11.22 7.97 -8.63
C TYR B 237 -10.18 8.13 -7.51
N GLY B 238 -9.43 7.02 -7.29
CA GLY B 238 -8.42 7.14 -6.20
C GLY B 238 -7.10 7.27 -7.00
N PHE B 239 -6.20 8.04 -6.49
CA PHE B 239 -4.91 8.34 -7.08
C PHE B 239 -3.87 7.71 -6.15
N TYR B 240 -2.97 7.15 -6.97
CA TYR B 240 -1.84 6.36 -6.49
C TYR B 240 -0.53 6.75 -7.09
N THR B 241 0.47 6.81 -6.17
CA THR B 241 1.82 7.04 -6.64
C THR B 241 2.27 5.91 -7.61
N HIS B 242 3.07 6.35 -8.59
CA HIS B 242 3.52 5.34 -9.58
C HIS B 242 4.92 4.84 -9.23
N VAL B 243 4.94 3.74 -8.47
CA VAL B 243 6.10 3.03 -7.94
C VAL B 243 7.17 2.88 -9.00
N PHE B 244 6.71 2.37 -10.13
CA PHE B 244 7.61 2.12 -11.27
C PHE B 244 8.44 3.33 -11.58
N ARG B 245 7.76 4.42 -11.67
CA ARG B 245 8.15 5.77 -11.93
C ARG B 245 9.12 6.28 -10.90
N LEU B 246 8.95 5.65 -9.72
CA LEU B 246 9.91 6.12 -8.68
C LEU B 246 10.89 5.01 -8.37
N LYS B 247 10.88 3.88 -9.08
CA LYS B 247 11.82 2.82 -8.67
C LYS B 247 13.27 3.23 -8.64
N LYS B 248 13.55 4.21 -9.50
CA LYS B 248 15.01 4.60 -9.53
C LYS B 248 15.44 5.28 -8.26
N TRP B 249 14.59 6.16 -7.76
CA TRP B 249 14.72 6.83 -6.51
C TRP B 249 14.93 5.76 -5.38
N ILE B 250 14.16 4.72 -5.54
CA ILE B 250 14.10 3.59 -4.69
C ILE B 250 15.39 2.77 -4.63
N GLN B 251 16.10 2.38 -5.70
CA GLN B 251 17.32 1.56 -5.43
C GLN B 251 18.44 2.46 -4.93
N LYS B 252 18.38 3.73 -5.24
CA LYS B 252 19.24 4.84 -4.93
C LYS B 252 19.53 4.94 -3.45
N VAL B 253 18.44 4.96 -2.71
CA VAL B 253 18.53 5.04 -1.23
C VAL B 253 18.80 3.69 -0.58
N ILE B 254 18.28 2.64 -1.17
CA ILE B 254 18.47 1.30 -0.57
C ILE B 254 19.91 0.84 -0.78
N ASP B 255 20.45 1.10 -1.97
CA ASP B 255 21.83 0.70 -2.17
C ASP B 255 22.75 1.80 -1.70
N GLN B 256 22.28 2.81 -1.04
CA GLN B 256 23.07 3.94 -0.51
C GLN B 256 23.31 3.77 0.99
N PHE B 257 22.20 3.57 1.70
CA PHE B 257 22.28 3.34 3.15
C PHE B 257 21.43 2.16 3.58
N GLY B 258 21.21 1.15 2.78
CA GLY B 258 20.33 0.06 3.04
C GLY B 258 20.56 -1.37 3.32
N GLU B 259 19.51 -2.21 3.25
CA GLU B 259 19.66 -3.65 3.55
C GLU B 259 20.07 -4.49 2.34
N ASP C 6 -8.77 3.73 21.31
CA ASP C 6 -9.76 2.73 20.78
C ASP C 6 -8.94 1.45 20.58
N PHE C 7 -7.68 1.72 20.48
CA PHE C 7 -6.55 0.83 20.26
C PHE C 7 -6.13 0.10 21.51
N GLU C 8 -6.03 -1.22 21.36
CA GLU C 8 -5.56 -1.99 22.51
C GLU C 8 -4.05 -1.83 22.69
N GLU C 9 -3.71 -1.69 23.93
CA GLU C 9 -2.38 -1.54 24.53
C GLU C 9 -1.28 -2.42 23.98
N ILE C 10 -0.09 -1.77 23.83
CA ILE C 10 1.00 -2.56 23.28
C ILE C 10 2.13 -2.82 24.27
N PRO C 11 2.81 -3.92 24.02
CA PRO C 11 3.98 -4.23 24.83
C PRO C 11 4.96 -3.06 24.90
N GLY C 12 5.00 -2.50 26.10
CA GLY C 12 5.85 -1.40 26.53
C GLY C 12 7.27 -1.54 25.99
N GLU C 13 7.68 -2.80 25.78
CA GLU C 13 9.03 -3.10 25.26
C GLU C 13 9.18 -2.37 23.93
N TYS C 14 8.03 -1.93 23.43
CA TYS C 14 8.00 -1.24 22.14
CB TYS C 14 6.67 -1.65 21.42
CG TYS C 14 6.82 -3.13 21.11
CD1 TYS C 14 8.07 -3.54 20.58
CD2 TYS C 14 5.86 -4.06 21.47
CE1 TYS C 14 8.32 -4.89 20.38
CE2 TYS C 14 6.14 -5.39 21.26
CZ TYS C 14 7.33 -5.79 20.71
OH TYS C 14 7.49 -7.11 20.47
S TYS C 14 6.75 -7.82 19.18
O1 TYS C 14 5.33 -7.64 19.18
O2 TYS C 14 7.47 -7.33 18.01
O3 TYS C 14 7.15 -9.27 19.36
C TYS C 14 8.16 0.26 22.18
O TYS C 14 8.58 0.82 21.12
N LEU C 15 7.94 0.85 23.33
CA LEU C 15 7.98 2.29 23.48
C LEU C 15 9.21 3.03 23.91
NA NA D . -16.98 5.16 -7.34
N9 IH2 E . -5.36 10.67 1.41
C1 IH2 E . -6.18 9.50 2.11
N10 IH2 E . -10.79 8.38 -2.02
N11 IH2 E . -9.06 7.04 -2.70
C8 IH2 E . -9.54 8.04 -1.92
C2 IH2 E . -7.16 9.03 1.26
C7 IH2 E . -7.65 10.27 0.44
C6 IH2 E . -8.83 9.80 -0.24
C5 IH2 E . -8.62 8.50 -1.00
C4 IH2 E . -7.43 7.71 -0.70
C3 IH2 E . -6.56 7.91 0.39
C17 IH2 E . -4.31 15.66 1.94
N18 IH2 E . -5.17 15.40 0.92
C20 IH2 E . -6.24 16.16 0.61
O20 IH2 E . -6.65 17.26 0.96
N21 IH2 E . -6.90 15.48 -0.28
C22 IH2 E . -6.25 14.28 -0.48
O22 IH2 E . -6.63 13.49 -1.20
N19 IH2 E . -5.18 14.27 0.22
C13 IH2 E . -4.61 13.06 0.86
C14 IH2 E . -3.47 13.38 1.58
C15 IH2 E . -3.42 14.43 2.31
C12 IH2 E . -5.59 11.98 1.50
C16 IH2 E . -2.22 14.64 3.01
O12 IH2 E . -6.84 12.45 1.99
C23 IH2 E . -8.05 16.01 -0.89
C24 IH2 E . -7.56 16.42 -2.34
C28 IH2 E . -3.37 17.90 -3.61
C29 IH2 E . -3.76 16.77 -4.07
C30 IH2 E . -5.09 16.24 -3.65
C25 IH2 E . -6.07 16.84 -2.73
C26 IH2 E . -5.66 17.99 -2.27
C27 IH2 E . -4.32 18.51 -2.66
C34 IH2 E . -10.14 18.46 -4.97
C35 IH2 E . -9.57 19.19 -3.80
C36 IH2 E . -8.84 18.49 -2.91
C31 IH2 E . -8.61 17.09 -3.12
C32 IH2 E . -9.24 16.39 -4.28
C33 IH2 E . -9.98 17.10 -5.21
#